data_7A73
#
_entry.id   7A73
#
_cell.length_a   41.120
_cell.length_b   103.060
_cell.length_c   44.170
_cell.angle_alpha   90.000
_cell.angle_beta   114.740
_cell.angle_gamma   90.000
#
_symmetry.space_group_name_H-M   'P 1 21 1'
#
loop_
_entity.id
_entity.type
_entity.pdbx_description
1 polymer 'Alr5059 protein'
2 non-polymer 'CALCIUM ION'
3 water water
#
_entity_poly.entity_id   1
_entity_poly.type   'polypeptide(L)'
_entity_poly.pdbx_seq_one_letter_code
;MLNLLKSWLKNSLMAILLVTIFLGINTAGWTPSSNAALPSGNAITDGRALLRYALPINNKPVRELQASLEDISAQLRANR
RWGAVSKDLSKASRILDKPSQILTSVPEERQTQAETWINELKTGVVKVQELAQSKDKEQVLLERAKLLNLVSLIEESMVK
EFPFEVPEEYNNLPQLKGRATIAIKTNKGDLTVVVDGYSAPVTAGNFVDLVKRGFYNGLEFTRSEESYVLQTGDPPGKEQ
GFIDPKTGKYRAIPLEILAEGDKKPTYGITLEDAGRYLDMPVLPFSSFGALAMARPETEVDGASSQVFFFLFEPELTPAG
RNLLDGRYSVFGYLIEGRDILDTLKAGDKIESATVVQGLDNLVQPQSAAIEVLFQ
;
_entity_poly.pdbx_strand_id   A
#
loop_
_chem_comp.id
_chem_comp.type
_chem_comp.name
_chem_comp.formula
CA non-polymer 'CALCIUM ION' 'Ca 2'
#
# COMPACT_ATOMS: atom_id res chain seq x y z
N ASN A 42 13.14 -0.43 15.18
CA ASN A 42 12.11 0.19 16.00
C ASN A 42 11.09 0.93 15.14
N ALA A 43 11.04 0.58 13.86
CA ALA A 43 10.04 1.06 12.93
C ALA A 43 9.47 -0.11 12.16
N ILE A 44 8.22 0.02 11.74
CA ILE A 44 7.56 -1.01 10.94
C ILE A 44 8.09 -0.92 9.51
N THR A 45 8.63 -2.02 9.00
CA THR A 45 9.21 -2.06 7.67
C THR A 45 8.51 -3.03 6.71
N ASP A 46 7.52 -3.79 7.19
CA ASP A 46 6.77 -4.71 6.35
C ASP A 46 5.66 -3.90 5.65
N GLY A 47 5.69 -3.86 4.31
CA GLY A 47 4.69 -3.10 3.58
C GLY A 47 3.27 -3.56 3.86
N ARG A 48 3.08 -4.87 4.03
CA ARG A 48 1.75 -5.36 4.35
C ARG A 48 1.26 -4.83 5.69
N ALA A 49 2.17 -4.69 6.65
CA ALA A 49 1.80 -4.14 7.96
C ALA A 49 1.51 -2.65 7.85
N LEU A 50 2.35 -1.91 7.12
CA LEU A 50 2.05 -0.50 6.88
C LEU A 50 0.66 -0.34 6.27
N LEU A 51 0.31 -1.20 5.32
CA LEU A 51 -0.98 -1.11 4.68
C LEU A 51 -2.11 -1.43 5.65
N ARG A 52 -1.94 -2.46 6.50
CA ARG A 52 -2.97 -2.73 7.51
C ARG A 52 -3.18 -1.54 8.42
N TYR A 53 -2.09 -0.95 8.91
CA TYR A 53 -2.22 0.16 9.85
C TYR A 53 -2.82 1.38 9.18
N ALA A 54 -2.65 1.51 7.85
CA ALA A 54 -3.25 2.61 7.10
C ALA A 54 -4.75 2.42 6.85
N LEU A 55 -5.31 1.24 7.06
CA LEU A 55 -6.75 1.08 6.91
C LEU A 55 -7.45 1.99 7.91
N PRO A 56 -8.44 2.78 7.48
CA PRO A 56 -9.10 3.75 8.36
C PRO A 56 -10.21 3.11 9.18
N ILE A 57 -9.79 2.33 10.18
CA ILE A 57 -10.71 1.56 11.00
C ILE A 57 -10.48 1.94 12.46
N ASN A 58 -11.46 1.57 13.28
CA ASN A 58 -11.45 1.87 14.71
C ASN A 58 -11.98 0.61 15.41
N ASN A 59 -11.09 -0.35 15.65
CA ASN A 59 -11.45 -1.57 16.38
C ASN A 59 -10.21 -2.03 17.14
N LYS A 60 -10.20 -1.79 18.45
CA LYS A 60 -9.05 -2.17 19.25
C LYS A 60 -8.80 -3.68 19.28
N PRO A 61 -9.82 -4.55 19.37
CA PRO A 61 -9.52 -5.98 19.40
C PRO A 61 -8.80 -6.48 18.15
N VAL A 62 -9.20 -6.02 16.97
CA VAL A 62 -8.57 -6.61 15.78
C VAL A 62 -7.14 -6.11 15.69
N ARG A 63 -6.87 -4.89 16.19
CA ARG A 63 -5.50 -4.38 16.22
C ARG A 63 -4.65 -5.18 17.19
N GLU A 64 -5.21 -5.56 18.35
CA GLU A 64 -4.47 -6.40 19.29
C GLU A 64 -4.16 -7.75 18.68
N LEU A 65 -5.16 -8.34 17.99
CA LEU A 65 -4.93 -9.60 17.29
C LEU A 65 -3.83 -9.44 16.25
N GLN A 66 -3.92 -8.37 15.46
CA GLN A 66 -2.90 -8.06 14.48
C GLN A 66 -1.53 -7.95 15.11
N ALA A 67 -1.41 -7.18 16.20
CA ALA A 67 -0.11 -6.95 16.82
C ALA A 67 0.47 -8.23 17.39
N SER A 68 -0.37 -9.07 18.00
CA SER A 68 0.14 -10.32 18.57
C SER A 68 0.70 -11.22 17.49
N LEU A 69 -0.01 -11.32 16.35
CA LEU A 69 0.48 -12.16 15.25
C LEU A 69 1.69 -11.54 14.57
N GLU A 70 1.72 -10.21 14.44
CA GLU A 70 2.88 -9.55 13.89
C GLU A 70 4.13 -9.82 14.72
N ASP A 71 3.98 -9.81 16.05
CA ASP A 71 5.12 -9.95 16.95
C ASP A 71 5.85 -11.28 16.79
N ILE A 72 5.16 -12.30 16.26
CA ILE A 72 5.75 -13.63 16.12
C ILE A 72 7.02 -13.58 15.29
N SER A 73 7.04 -12.79 14.21
CA SER A 73 8.23 -12.75 13.37
C SER A 73 9.40 -12.11 14.11
N ALA A 74 9.14 -11.09 14.93
CA ALA A 74 10.22 -10.50 15.72
C ALA A 74 10.79 -11.50 16.72
N GLN A 75 9.92 -12.30 17.34
CA GLN A 75 10.38 -13.28 18.32
C GLN A 75 11.16 -14.41 17.66
N LEU A 76 10.87 -14.72 16.40
CA LEU A 76 11.49 -15.87 15.73
C LEU A 76 12.68 -15.49 14.87
N ARG A 77 13.07 -14.21 14.86
CA ARG A 77 14.19 -13.80 14.02
C ARG A 77 15.48 -14.53 14.40
N ALA A 78 15.67 -14.85 15.68
CA ALA A 78 16.80 -15.65 16.10
C ALA A 78 16.44 -17.12 16.37
N ASN A 79 15.16 -17.49 16.21
CA ASN A 79 14.71 -18.86 16.45
C ASN A 79 15.04 -19.32 17.86
N ARG A 80 14.75 -18.48 18.85
CA ARG A 80 15.06 -18.83 20.24
C ARG A 80 13.89 -18.61 21.18
N ARG A 81 13.03 -17.63 20.90
CA ARG A 81 12.02 -17.18 21.86
C ARG A 81 10.67 -17.81 21.57
N TRP A 82 10.59 -19.12 21.79
CA TRP A 82 9.32 -19.84 21.59
C TRP A 82 8.28 -19.53 22.66
N GLY A 83 8.69 -19.27 23.90
CA GLY A 83 7.73 -18.86 24.91
C GLY A 83 6.93 -17.64 24.48
N ALA A 84 7.61 -16.62 23.94
CA ALA A 84 6.92 -15.41 23.52
C ALA A 84 5.99 -15.68 22.34
N VAL A 85 6.40 -16.57 21.44
CA VAL A 85 5.53 -16.96 20.32
C VAL A 85 4.25 -17.59 20.86
N SER A 86 4.38 -18.51 21.82
CA SER A 86 3.20 -19.18 22.34
C SER A 86 2.29 -18.21 23.10
N LYS A 87 2.87 -17.28 23.84
CA LYS A 87 2.09 -16.24 24.47
C LYS A 87 1.35 -15.43 23.41
N ASP A 88 2.01 -15.08 22.28
CA ASP A 88 1.34 -14.36 21.20
C ASP A 88 0.15 -15.14 20.68
N LEU A 89 0.34 -16.44 20.43
CA LEU A 89 -0.75 -17.24 19.88
C LEU A 89 -1.88 -17.40 20.88
N SER A 90 -1.57 -17.53 22.17
CA SER A 90 -2.63 -17.64 23.16
C SER A 90 -3.43 -16.36 23.25
N LYS A 91 -2.76 -15.21 23.19
CA LYS A 91 -3.48 -13.94 23.11
C LYS A 91 -4.36 -13.86 21.89
N ALA A 92 -3.82 -14.21 20.71
CA ALA A 92 -4.64 -14.19 19.50
C ALA A 92 -5.86 -15.10 19.65
N SER A 93 -5.65 -16.28 20.25
CA SER A 93 -6.76 -17.21 20.43
C SER A 93 -7.81 -16.64 21.38
N ARG A 94 -7.38 -15.97 22.44
CA ARG A 94 -8.33 -15.38 23.37
C ARG A 94 -9.17 -14.30 22.71
N ILE A 95 -8.55 -13.50 21.85
CA ILE A 95 -9.32 -12.47 21.13
C ILE A 95 -10.34 -13.13 20.20
N LEU A 96 -9.92 -14.17 19.49
CA LEU A 96 -10.83 -14.87 18.58
C LEU A 96 -11.93 -15.60 19.34
N ASP A 97 -11.74 -15.86 20.63
CA ASP A 97 -12.76 -16.50 21.45
C ASP A 97 -13.98 -15.63 21.65
N LYS A 98 -13.86 -14.33 21.40
CA LYS A 98 -14.93 -13.36 21.57
C LYS A 98 -15.13 -12.64 20.23
N PRO A 99 -15.65 -13.35 19.22
CA PRO A 99 -15.71 -12.75 17.88
C PRO A 99 -16.55 -11.49 17.81
N SER A 100 -17.56 -11.37 18.69
CA SER A 100 -18.43 -10.20 18.65
C SER A 100 -17.66 -8.90 18.83
N GLN A 101 -16.55 -8.92 19.57
CA GLN A 101 -15.79 -7.69 19.78
C GLN A 101 -15.07 -7.24 18.50
N ILE A 102 -14.90 -8.15 17.54
CA ILE A 102 -14.41 -7.80 16.21
C ILE A 102 -15.57 -7.51 15.27
N LEU A 103 -16.58 -8.38 15.27
CA LEU A 103 -17.65 -8.30 14.28
C LEU A 103 -18.53 -7.06 14.45
N THR A 104 -18.53 -6.45 15.63
CA THR A 104 -19.32 -5.24 15.84
C THR A 104 -18.90 -4.10 14.91
N SER A 105 -17.66 -4.11 14.42
CA SER A 105 -17.17 -3.09 13.51
C SER A 105 -17.33 -3.47 12.05
N VAL A 106 -17.88 -4.64 11.75
CA VAL A 106 -18.07 -5.10 10.39
C VAL A 106 -19.51 -4.81 9.97
N PRO A 107 -19.73 -4.12 8.85
CA PRO A 107 -21.10 -3.87 8.40
C PRO A 107 -21.85 -5.18 8.14
N GLU A 108 -23.17 -5.13 8.31
CA GLU A 108 -23.97 -6.35 8.30
C GLU A 108 -23.87 -7.08 6.97
N GLU A 109 -23.57 -6.34 5.89
CA GLU A 109 -23.44 -6.93 4.55
C GLU A 109 -22.26 -7.88 4.48
N ARG A 110 -21.20 -7.61 5.25
CA ARG A 110 -19.94 -8.33 5.16
C ARG A 110 -19.71 -9.22 6.37
N GLN A 111 -20.60 -9.19 7.36
CA GLN A 111 -20.36 -9.96 8.57
C GLN A 111 -20.27 -11.45 8.28
N THR A 112 -20.90 -11.93 7.24
CA THR A 112 -20.87 -13.37 7.21
C THR A 112 -19.59 -13.86 6.51
N GLN A 113 -19.09 -13.10 5.53
CA GLN A 113 -17.74 -13.37 5.05
C GLN A 113 -16.71 -13.23 6.17
N ALA A 114 -16.91 -12.24 7.06
CA ALA A 114 -15.97 -12.04 8.16
C ALA A 114 -16.03 -13.18 9.16
N GLU A 115 -17.22 -13.75 9.38
CA GLU A 115 -17.32 -14.89 10.28
C GLU A 115 -16.57 -16.08 9.73
N THR A 116 -16.64 -16.29 8.41
CA THR A 116 -15.84 -17.35 7.80
C THR A 116 -14.35 -17.08 7.98
N TRP A 117 -13.93 -15.82 7.84
CA TRP A 117 -12.52 -15.51 8.05
C TRP A 117 -12.10 -15.71 9.51
N ILE A 118 -12.97 -15.36 10.46
CA ILE A 118 -12.68 -15.61 11.87
C ILE A 118 -12.52 -17.11 12.11
N ASN A 119 -13.41 -17.92 11.54
CA ASN A 119 -13.30 -19.36 11.67
C ASN A 119 -12.00 -19.87 11.07
N GLU A 120 -11.63 -19.36 9.90
CA GLU A 120 -10.35 -19.76 9.31
C GLU A 120 -9.19 -19.34 10.18
N LEU A 121 -9.29 -18.17 10.83
CA LEU A 121 -8.24 -17.76 11.76
C LEU A 121 -8.16 -18.69 12.96
N LYS A 122 -9.29 -19.12 13.50
CA LYS A 122 -9.27 -20.02 14.64
C LYS A 122 -8.62 -21.35 14.28
N THR A 123 -8.99 -21.89 13.11
CA THR A 123 -8.34 -23.11 12.62
C THR A 123 -6.84 -22.89 12.41
N GLY A 124 -6.48 -21.76 11.83
CA GLY A 124 -5.08 -21.50 11.55
C GLY A 124 -4.25 -21.30 12.81
N VAL A 125 -4.81 -20.63 13.81
CA VAL A 125 -4.08 -20.45 15.08
C VAL A 125 -3.79 -21.80 15.72
N VAL A 126 -4.78 -22.70 15.74
CA VAL A 126 -4.54 -24.04 16.27
C VAL A 126 -3.43 -24.73 15.48
N LYS A 127 -3.46 -24.59 14.15
CA LYS A 127 -2.42 -25.18 13.33
C LYS A 127 -1.04 -24.63 13.71
N VAL A 128 -0.96 -23.32 13.95
CA VAL A 128 0.33 -22.71 14.29
C VAL A 128 0.76 -23.08 15.70
N GLN A 129 -0.20 -23.23 16.62
CA GLN A 129 0.16 -23.70 17.95
C GLN A 129 0.75 -25.10 17.90
N GLU A 130 0.21 -25.97 17.05
CA GLU A 130 0.79 -27.30 16.87
C GLU A 130 2.20 -27.19 16.30
N LEU A 131 2.38 -26.34 15.29
CA LEU A 131 3.70 -26.18 14.70
C LEU A 131 4.69 -25.63 15.71
N ALA A 132 4.23 -24.70 16.56
CA ALA A 132 5.10 -24.14 17.59
C ALA A 132 5.55 -25.21 18.59
N GLN A 133 4.72 -26.23 18.80
CA GLN A 133 5.08 -27.28 19.74
C GLN A 133 6.29 -28.08 19.25
N SER A 134 6.52 -28.12 17.95
CA SER A 134 7.73 -28.72 17.39
C SER A 134 8.78 -27.68 17.03
N LYS A 135 8.57 -26.42 17.40
CA LYS A 135 9.52 -25.35 17.16
C LYS A 135 9.91 -25.25 15.69
N ASP A 136 8.88 -25.30 14.83
CA ASP A 136 9.07 -25.28 13.38
C ASP A 136 8.96 -23.84 12.91
N LYS A 137 10.09 -23.12 12.94
CA LYS A 137 10.07 -21.70 12.59
C LYS A 137 9.59 -21.48 11.16
N GLU A 138 10.07 -22.28 10.21
CA GLU A 138 9.74 -22.05 8.80
C GLU A 138 8.24 -22.16 8.57
N GLN A 139 7.62 -23.21 9.12
CA GLN A 139 6.19 -23.38 8.91
C GLN A 139 5.38 -22.39 9.74
N VAL A 140 5.86 -22.02 10.93
CA VAL A 140 5.16 -21.00 11.71
C VAL A 140 5.12 -19.68 10.97
N LEU A 141 6.23 -19.28 10.35
CA LEU A 141 6.26 -18.03 9.60
C LEU A 141 5.37 -18.09 8.36
N LEU A 142 5.35 -19.22 7.66
CA LEU A 142 4.50 -19.34 6.49
C LEU A 142 3.03 -19.23 6.88
N GLU A 143 2.63 -19.91 7.96
CA GLU A 143 1.25 -19.83 8.40
C GLU A 143 0.92 -18.47 8.99
N ARG A 144 1.90 -17.82 9.63
CA ARG A 144 1.67 -16.48 10.18
C ARG A 144 1.27 -15.52 9.08
N ALA A 145 1.92 -15.62 7.91
CA ALA A 145 1.58 -14.77 6.79
C ALA A 145 0.15 -15.02 6.32
N LYS A 146 -0.27 -16.29 6.29
CA LYS A 146 -1.66 -16.58 5.93
C LYS A 146 -2.62 -16.00 6.96
N LEU A 147 -2.29 -16.10 8.25
CA LEU A 147 -3.16 -15.54 9.27
C LEU A 147 -3.28 -14.03 9.13
N LEU A 148 -2.16 -13.36 8.89
CA LEU A 148 -2.20 -11.91 8.77
C LEU A 148 -2.96 -11.46 7.52
N ASN A 149 -2.94 -12.27 6.46
CA ASN A 149 -3.76 -11.95 5.31
C ASN A 149 -5.24 -11.99 5.67
N LEU A 150 -5.64 -12.98 6.48
CA LEU A 150 -7.03 -13.02 6.94
C LEU A 150 -7.35 -11.82 7.81
N VAL A 151 -6.42 -11.41 8.68
CA VAL A 151 -6.63 -10.21 9.50
C VAL A 151 -6.83 -9.00 8.60
N SER A 152 -6.00 -8.85 7.58
CA SER A 152 -6.13 -7.76 6.62
C SER A 152 -7.51 -7.76 5.97
N LEU A 153 -7.98 -8.94 5.55
CA LEU A 153 -9.27 -9.02 4.89
C LEU A 153 -10.38 -8.59 5.83
N ILE A 154 -10.33 -9.04 7.08
CA ILE A 154 -11.32 -8.63 8.07
C ILE A 154 -11.25 -7.13 8.30
N GLU A 155 -10.05 -6.59 8.49
CA GLU A 155 -9.90 -5.15 8.73
C GLU A 155 -10.43 -4.33 7.56
N GLU A 156 -10.11 -4.74 6.33
CA GLU A 156 -10.59 -3.99 5.17
C GLU A 156 -12.10 -4.02 5.08
N SER A 157 -12.72 -5.13 5.50
CA SER A 157 -14.18 -5.20 5.50
C SER A 157 -14.81 -4.23 6.51
N MET A 158 -14.03 -3.72 7.47
CA MET A 158 -14.57 -2.76 8.43
C MET A 158 -14.66 -1.35 7.88
N VAL A 159 -14.05 -1.04 6.75
CA VAL A 159 -14.14 0.31 6.20
C VAL A 159 -15.53 0.49 5.61
N LYS A 160 -16.30 1.41 6.19
CA LYS A 160 -17.70 1.46 5.80
C LYS A 160 -17.94 2.42 4.65
N GLU A 161 -17.17 3.48 4.62
CA GLU A 161 -17.51 4.65 3.83
C GLU A 161 -16.19 5.40 3.67
N PHE A 162 -15.97 5.98 2.49
CA PHE A 162 -14.66 6.55 2.25
C PHE A 162 -14.38 7.62 3.31
N PRO A 163 -13.18 7.66 3.89
CA PRO A 163 -13.00 8.40 5.15
C PRO A 163 -13.00 9.91 5.07
N PHE A 164 -12.84 10.53 3.90
CA PHE A 164 -12.77 11.99 3.83
C PHE A 164 -13.18 12.43 2.43
N GLU A 165 -13.42 13.74 2.31
CA GLU A 165 -13.75 14.36 1.03
C GLU A 165 -12.47 14.81 0.36
N VAL A 166 -12.22 14.30 -0.84
CA VAL A 166 -11.10 14.79 -1.65
C VAL A 166 -11.42 16.20 -2.13
N PRO A 167 -10.48 17.15 -2.07
CA PRO A 167 -10.78 18.50 -2.57
C PRO A 167 -11.36 18.49 -3.98
N GLU A 168 -12.44 19.25 -4.16
CA GLU A 168 -13.16 19.29 -5.43
C GLU A 168 -12.28 19.80 -6.57
N GLU A 169 -11.21 20.54 -6.28
CA GLU A 169 -10.35 20.98 -7.37
C GLU A 169 -9.73 19.81 -8.13
N TYR A 170 -9.67 18.63 -7.52
CA TYR A 170 -9.13 17.43 -8.16
C TYR A 170 -10.23 16.57 -8.77
N ASN A 171 -11.45 17.10 -8.90
CA ASN A 171 -12.54 16.25 -9.41
C ASN A 171 -12.42 15.97 -10.90
N ASN A 172 -11.45 16.56 -11.58
CA ASN A 172 -11.14 16.26 -12.96
C ASN A 172 -10.16 15.11 -13.11
N LEU A 173 -9.69 14.53 -11.99
CA LEU A 173 -8.71 13.45 -11.98
C LEU A 173 -9.35 12.17 -11.48
N PRO A 174 -8.94 11.02 -12.02
CA PRO A 174 -9.47 9.74 -11.52
C PRO A 174 -8.98 9.50 -10.11
N GLN A 175 -9.83 8.87 -9.29
CA GLN A 175 -9.55 8.70 -7.87
C GLN A 175 -9.85 7.28 -7.44
N LEU A 176 -8.99 6.70 -6.62
CA LEU A 176 -9.17 5.33 -6.16
C LEU A 176 -9.75 5.39 -4.76
N LYS A 177 -11.03 5.04 -4.63
CA LYS A 177 -11.70 5.14 -3.34
C LYS A 177 -11.64 3.80 -2.60
N GLY A 178 -10.43 3.38 -2.29
CA GLY A 178 -10.18 2.08 -1.71
C GLY A 178 -8.82 1.57 -2.17
N ARG A 179 -8.67 0.26 -2.09
CA ARG A 179 -7.42 -0.41 -2.42
C ARG A 179 -7.52 -1.02 -3.82
N ALA A 180 -6.35 -1.24 -4.43
CA ALA A 180 -6.28 -2.03 -5.64
C ALA A 180 -4.96 -2.79 -5.63
N THR A 181 -4.96 -3.92 -6.32
CA THR A 181 -3.78 -4.77 -6.46
C THR A 181 -3.41 -4.80 -7.92
N ILE A 182 -2.15 -4.51 -8.22
CA ILE A 182 -1.64 -4.42 -9.59
C ILE A 182 -0.50 -5.41 -9.75
N ALA A 183 -0.58 -6.22 -10.79
CA ALA A 183 0.50 -7.11 -11.16
C ALA A 183 1.24 -6.49 -12.34
N ILE A 184 2.51 -6.18 -12.15
CA ILE A 184 3.37 -5.59 -13.17
C ILE A 184 4.27 -6.68 -13.71
N LYS A 185 4.05 -7.08 -14.96
CA LYS A 185 4.87 -8.10 -15.60
C LYS A 185 6.08 -7.44 -16.24
N THR A 186 7.27 -7.78 -15.75
CA THR A 186 8.53 -7.33 -16.34
C THR A 186 9.24 -8.50 -17.01
N ASN A 187 10.29 -8.18 -17.76
CA ASN A 187 11.10 -9.23 -18.37
C ASN A 187 11.79 -10.11 -17.34
N LYS A 188 11.83 -9.70 -16.08
CA LYS A 188 12.45 -10.50 -15.02
C LYS A 188 11.42 -11.13 -14.09
N GLY A 189 10.14 -11.03 -14.41
CA GLY A 189 9.09 -11.61 -13.59
C GLY A 189 8.08 -10.57 -13.16
N ASP A 190 7.11 -11.02 -12.37
CA ASP A 190 5.99 -10.19 -11.96
C ASP A 190 6.28 -9.49 -10.64
N LEU A 191 5.87 -8.24 -10.55
CA LEU A 191 5.82 -7.49 -9.31
C LEU A 191 4.36 -7.31 -8.96
N THR A 192 3.98 -7.58 -7.72
CA THR A 192 2.62 -7.28 -7.28
C THR A 192 2.68 -6.17 -6.26
N VAL A 193 1.93 -5.12 -6.52
CA VAL A 193 1.87 -3.96 -5.65
C VAL A 193 0.43 -3.77 -5.19
N VAL A 194 0.26 -3.33 -3.96
CA VAL A 194 -1.03 -2.86 -3.46
C VAL A 194 -0.93 -1.35 -3.34
N VAL A 195 -1.89 -0.66 -3.94
CA VAL A 195 -1.95 0.80 -3.89
C VAL A 195 -3.09 1.21 -2.97
N ASP A 196 -2.87 2.27 -2.19
CA ASP A 196 -3.73 2.61 -1.06
C ASP A 196 -4.47 3.94 -1.33
N GLY A 197 -5.66 3.84 -1.92
CA GLY A 197 -6.47 5.02 -2.12
C GLY A 197 -7.10 5.57 -0.86
N TYR A 198 -7.10 4.81 0.25
CA TYR A 198 -7.57 5.41 1.49
C TYR A 198 -6.63 6.50 1.97
N SER A 199 -5.33 6.36 1.69
CA SER A 199 -4.36 7.36 2.09
C SER A 199 -3.97 8.29 0.97
N ALA A 200 -4.15 7.89 -0.29
CA ALA A 200 -3.68 8.67 -1.44
C ALA A 200 -4.63 8.43 -2.59
N PRO A 201 -5.88 8.86 -2.46
CA PRO A 201 -6.87 8.52 -3.51
C PRO A 201 -6.55 9.13 -4.86
N VAL A 202 -6.06 10.37 -4.91
CA VAL A 202 -5.76 10.98 -6.21
C VAL A 202 -4.55 10.30 -6.84
N THR A 203 -3.54 10.02 -6.04
CA THR A 203 -2.31 9.46 -6.57
C THR A 203 -2.54 8.01 -6.98
N ALA A 204 -3.17 7.22 -6.11
CA ALA A 204 -3.44 5.84 -6.47
C ALA A 204 -4.42 5.76 -7.64
N GLY A 205 -5.41 6.67 -7.69
CA GLY A 205 -6.33 6.69 -8.80
C GLY A 205 -5.64 6.96 -10.12
N ASN A 206 -4.74 7.93 -10.15
CA ASN A 206 -3.98 8.22 -11.36
C ASN A 206 -3.22 6.98 -11.81
N PHE A 207 -2.56 6.29 -10.88
CA PHE A 207 -1.76 5.13 -11.25
C PHE A 207 -2.62 4.01 -11.81
N VAL A 208 -3.73 3.68 -11.15
CA VAL A 208 -4.58 2.60 -11.64
C VAL A 208 -5.16 2.97 -12.99
N ASP A 209 -5.52 4.25 -13.16
CA ASP A 209 -6.04 4.70 -14.45
C ASP A 209 -5.00 4.55 -15.56
N LEU A 210 -3.75 4.95 -15.28
CA LEU A 210 -2.70 4.81 -16.28
C LEU A 210 -2.42 3.35 -16.58
N VAL A 211 -2.42 2.50 -15.55
CA VAL A 211 -2.26 1.07 -15.77
C VAL A 211 -3.33 0.57 -16.73
N LYS A 212 -4.59 0.94 -16.47
CA LYS A 212 -5.71 0.49 -17.31
C LYS A 212 -5.61 1.02 -18.73
N ARG A 213 -5.07 2.23 -18.90
CA ARG A 213 -4.89 2.76 -20.24
C ARG A 213 -3.74 2.08 -20.98
N GLY A 214 -2.95 1.24 -20.32
CA GLY A 214 -1.79 0.63 -20.94
C GLY A 214 -0.59 1.53 -21.01
N PHE A 215 -0.56 2.61 -20.22
CA PHE A 215 0.49 3.61 -20.32
C PHE A 215 1.88 3.03 -20.07
N TYR A 216 1.99 2.08 -19.17
CA TYR A 216 3.29 1.57 -18.78
C TYR A 216 3.78 0.45 -19.68
N ASN A 217 2.97 0.02 -20.64
CA ASN A 217 3.36 -1.11 -21.48
C ASN A 217 4.56 -0.75 -22.33
N GLY A 218 5.62 -1.54 -22.20
CA GLY A 218 6.84 -1.33 -22.96
C GLY A 218 7.79 -0.30 -22.39
N LEU A 219 7.48 0.31 -21.25
CA LEU A 219 8.35 1.34 -20.71
C LEU A 219 9.51 0.72 -19.94
N GLU A 220 10.68 1.31 -20.10
CA GLU A 220 11.90 0.79 -19.51
C GLU A 220 12.06 1.26 -18.07
N PHE A 221 12.84 0.50 -17.32
CA PHE A 221 13.29 0.90 -16.00
C PHE A 221 14.65 1.57 -16.12
N THR A 222 14.93 2.47 -15.18
CA THR A 222 16.25 3.05 -15.02
C THR A 222 16.66 2.89 -13.56
N ARG A 223 17.93 2.63 -13.33
CA ARG A 223 18.48 2.63 -11.98
C ARG A 223 19.92 3.11 -12.10
N SER A 224 20.20 4.28 -11.54
CA SER A 224 21.54 4.83 -11.56
C SER A 224 22.51 3.88 -10.86
N GLU A 225 23.80 4.09 -11.12
CA GLU A 225 24.81 3.09 -10.78
C GLU A 225 24.77 2.71 -9.30
N GLU A 226 24.85 3.69 -8.42
CA GLU A 226 24.94 3.42 -6.98
C GLU A 226 23.71 4.01 -6.30
N SER A 227 22.56 3.42 -6.57
CA SER A 227 21.28 4.03 -6.20
C SER A 227 20.32 2.97 -5.66
N TYR A 228 19.53 3.40 -4.69
CA TYR A 228 18.43 2.59 -4.15
C TYR A 228 17.09 2.95 -4.75
N VAL A 229 17.09 3.67 -5.86
CA VAL A 229 15.89 4.19 -6.50
C VAL A 229 15.78 3.54 -7.87
N LEU A 230 14.66 2.85 -8.11
CA LEU A 230 14.38 2.21 -9.39
C LEU A 230 13.22 2.96 -10.04
N GLN A 231 13.43 3.52 -11.23
CA GLN A 231 12.46 4.43 -11.82
C GLN A 231 11.88 3.90 -13.12
N THR A 232 10.65 4.28 -13.40
CA THR A 232 10.02 4.01 -14.70
C THR A 232 8.94 5.06 -14.91
N GLY A 233 8.24 4.95 -16.05
CA GLY A 233 7.13 5.83 -16.35
C GLY A 233 7.46 7.04 -17.19
N ASP A 234 8.69 7.16 -17.67
CA ASP A 234 9.06 8.23 -18.58
C ASP A 234 8.73 7.81 -20.00
N PRO A 235 7.82 8.48 -20.71
CA PRO A 235 7.58 8.12 -22.12
C PRO A 235 8.87 8.25 -22.92
N PRO A 236 9.17 7.29 -23.80
CA PRO A 236 10.44 7.33 -24.54
C PRO A 236 10.50 8.50 -25.48
N GLY A 237 9.37 9.17 -25.66
CA GLY A 237 9.26 10.25 -26.60
C GLY A 237 9.49 11.60 -25.94
N LYS A 238 8.93 12.66 -26.56
CA LYS A 238 9.10 14.02 -26.07
C LYS A 238 8.29 14.27 -24.82
N GLU A 239 7.20 13.55 -24.55
CA GLU A 239 6.43 13.91 -23.35
C GLU A 239 7.10 13.41 -22.06
N GLN A 240 6.80 14.07 -20.96
CA GLN A 240 7.30 13.72 -19.64
C GLN A 240 6.31 12.94 -18.82
N GLY A 241 5.08 12.80 -19.29
CA GLY A 241 4.05 12.13 -18.55
C GLY A 241 2.88 11.88 -19.46
N PHE A 242 1.71 11.64 -18.85
CA PHE A 242 0.50 11.34 -19.60
C PHE A 242 -0.17 12.63 -20.04
N ILE A 243 -0.62 12.66 -21.29
CA ILE A 243 -1.37 13.80 -21.84
C ILE A 243 -2.86 13.52 -21.65
N ASP A 244 -3.53 14.38 -20.90
CA ASP A 244 -4.98 14.24 -20.71
C ASP A 244 -5.70 14.48 -22.05
N PRO A 245 -6.41 13.50 -22.61
CA PRO A 245 -7.06 13.72 -23.91
C PRO A 245 -8.17 14.78 -23.89
N LYS A 246 -8.71 15.10 -22.72
CA LYS A 246 -9.75 16.13 -22.64
C LYS A 246 -9.16 17.53 -22.77
N THR A 247 -7.88 17.69 -22.43
CA THR A 247 -7.23 19.00 -22.44
C THR A 247 -6.09 19.11 -23.44
N GLY A 248 -5.55 18.00 -23.93
CA GLY A 248 -4.38 18.04 -24.77
C GLY A 248 -3.09 18.36 -24.07
N LYS A 249 -3.05 18.24 -22.75
CA LYS A 249 -1.89 18.67 -21.99
C LYS A 249 -1.56 17.68 -20.89
N TYR A 250 -0.33 17.79 -20.40
CA TYR A 250 0.19 16.99 -19.30
C TYR A 250 -0.79 16.96 -18.13
N ARG A 251 -1.11 15.75 -17.67
CA ARG A 251 -2.07 15.57 -16.58
C ARG A 251 -1.33 15.56 -15.23
N ALA A 252 -1.05 16.75 -14.73
CA ALA A 252 -0.34 16.87 -13.46
C ALA A 252 -1.23 16.49 -12.29
N ILE A 253 -0.64 15.84 -11.29
CA ILE A 253 -1.37 15.48 -10.09
C ILE A 253 -0.75 16.19 -8.89
N PRO A 254 -1.54 16.52 -7.87
CA PRO A 254 -1.00 17.23 -6.72
C PRO A 254 -0.14 16.31 -5.87
N LEU A 255 0.81 16.88 -5.15
CA LEU A 255 1.43 16.15 -4.05
C LEU A 255 0.35 15.85 -3.03
N GLU A 256 0.35 14.61 -2.53
CA GLU A 256 -0.73 14.12 -1.69
C GLU A 256 -0.09 13.21 -0.65
N ILE A 257 -0.03 13.66 0.60
CA ILE A 257 0.66 12.92 1.65
C ILE A 257 -0.19 13.00 2.91
N LEU A 258 -0.66 11.85 3.39
CA LEU A 258 -1.42 11.80 4.63
C LEU A 258 -0.43 11.66 5.79
N ALA A 259 -0.42 12.63 6.69
CA ALA A 259 0.45 12.58 7.86
C ALA A 259 -0.19 11.75 8.95
N GLU A 260 0.63 11.05 9.72
CA GLU A 260 0.14 10.23 10.82
C GLU A 260 -0.77 11.03 11.73
N GLY A 261 -1.95 10.47 12.05
CA GLY A 261 -2.90 11.08 12.93
C GLY A 261 -3.90 12.02 12.28
N ASP A 262 -3.67 12.43 11.04
CA ASP A 262 -4.61 13.30 10.35
C ASP A 262 -5.74 12.49 9.72
N LYS A 263 -6.87 13.16 9.47
CA LYS A 263 -7.95 12.52 8.71
C LYS A 263 -7.76 12.70 7.21
N LYS A 264 -7.36 13.91 6.78
CA LYS A 264 -7.26 14.24 5.38
C LYS A 264 -5.80 14.34 4.95
N PRO A 265 -5.47 13.91 3.74
CA PRO A 265 -4.12 14.10 3.24
C PRO A 265 -3.80 15.59 3.13
N THR A 266 -2.52 15.88 3.25
CA THR A 266 -1.99 17.21 2.95
C THR A 266 -1.71 17.28 1.46
N TYR A 267 -2.25 18.31 0.81
CA TYR A 267 -2.16 18.47 -0.64
C TYR A 267 -1.30 19.67 -0.99
N GLY A 268 -0.43 19.50 -1.98
CA GLY A 268 0.26 20.62 -2.60
C GLY A 268 1.36 21.23 -1.80
N ILE A 269 1.89 20.55 -0.78
CA ILE A 269 2.92 21.14 0.08
C ILE A 269 3.67 20.02 0.78
N THR A 270 5.00 20.15 0.86
CA THR A 270 5.75 19.14 1.61
C THR A 270 5.44 19.26 3.10
N LEU A 271 5.59 18.16 3.83
CA LEU A 271 5.38 18.24 5.28
C LEU A 271 6.32 19.27 5.90
N GLU A 272 7.56 19.34 5.42
CA GLU A 272 8.50 20.34 5.93
C GLU A 272 7.96 21.76 5.72
N ASP A 273 7.44 22.05 4.53
CA ASP A 273 6.93 23.39 4.26
C ASP A 273 5.63 23.68 5.00
N ALA A 274 4.88 22.65 5.36
CA ALA A 274 3.72 22.80 6.23
C ALA A 274 4.11 23.02 7.68
N GLY A 275 5.40 23.11 7.99
CA GLY A 275 5.85 23.25 9.36
C GLY A 275 5.85 21.95 10.13
N ARG A 276 5.87 20.83 9.43
CA ARG A 276 5.66 19.51 10.01
C ARG A 276 6.76 18.56 9.60
N TYR A 277 8.00 19.07 9.56
CA TYR A 277 9.14 18.26 9.15
C TYR A 277 9.25 16.99 9.97
N LEU A 278 8.96 17.08 11.27
CA LEU A 278 9.10 15.95 12.17
C LEU A 278 7.98 14.92 12.07
N ASP A 279 6.86 15.25 11.42
CA ASP A 279 5.74 14.33 11.34
C ASP A 279 5.98 13.31 10.24
N MET A 280 5.52 12.10 10.47
CA MET A 280 5.80 11.04 9.51
C MET A 280 4.56 10.74 8.68
N PRO A 281 4.76 10.30 7.44
CA PRO A 281 3.61 9.87 6.63
C PRO A 281 3.03 8.57 7.14
N VAL A 282 1.71 8.42 6.94
CA VAL A 282 1.04 7.14 7.14
C VAL A 282 1.65 6.06 6.23
N LEU A 283 2.06 6.44 5.02
CA LEU A 283 2.73 5.56 4.07
C LEU A 283 4.18 6.03 3.96
N PRO A 284 5.07 5.56 4.83
CA PRO A 284 6.46 6.02 4.78
C PRO A 284 7.33 5.22 3.82
N PHE A 285 8.55 5.73 3.64
CA PHE A 285 9.48 5.16 2.67
C PHE A 285 10.24 3.94 3.15
N SER A 286 10.26 3.67 4.45
CA SER A 286 11.18 2.65 4.96
C SER A 286 10.54 1.25 4.91
N SER A 287 10.29 0.80 3.68
CA SER A 287 9.92 -0.56 3.37
C SER A 287 10.47 -0.87 1.98
N PHE A 288 11.07 -2.05 1.81
CA PHE A 288 11.66 -2.41 0.52
C PHE A 288 10.55 -2.51 -0.53
N GLY A 289 10.63 -1.69 -1.57
CA GLY A 289 9.60 -1.69 -2.59
C GLY A 289 8.46 -0.72 -2.36
N ALA A 290 8.63 0.27 -1.49
CA ALA A 290 7.69 1.39 -1.46
C ALA A 290 7.63 2.01 -2.85
N LEU A 291 6.41 2.33 -3.30
CA LEU A 291 6.17 2.86 -4.63
C LEU A 291 5.64 4.28 -4.52
N ALA A 292 6.30 5.20 -5.21
CA ALA A 292 6.06 6.62 -5.03
C ALA A 292 6.13 7.35 -6.35
N MET A 293 5.64 8.59 -6.34
CA MET A 293 5.65 9.45 -7.52
C MET A 293 6.94 10.25 -7.57
N ALA A 294 7.65 10.18 -8.69
CA ALA A 294 8.70 11.14 -8.97
C ALA A 294 8.07 12.48 -9.35
N ARG A 295 8.83 13.55 -9.17
CA ARG A 295 8.39 14.88 -9.57
C ARG A 295 9.62 15.76 -9.61
N PRO A 296 9.57 16.88 -10.32
CA PRO A 296 10.68 17.85 -10.25
C PRO A 296 10.83 18.35 -8.83
N GLU A 297 12.08 18.53 -8.39
CA GLU A 297 12.31 18.98 -7.02
C GLU A 297 11.56 20.27 -6.70
N THR A 298 11.43 21.17 -7.68
CA THR A 298 10.81 22.46 -7.45
C THR A 298 9.33 22.52 -7.81
N GLU A 299 8.70 21.40 -8.13
CA GLU A 299 7.30 21.40 -8.55
C GLU A 299 6.59 20.32 -7.75
N VAL A 300 6.03 20.70 -6.59
CA VAL A 300 5.35 19.72 -5.75
C VAL A 300 4.19 19.09 -6.50
N ASP A 301 3.52 19.84 -7.38
CA ASP A 301 2.36 19.35 -8.11
C ASP A 301 2.70 18.99 -9.54
N GLY A 302 3.92 18.52 -9.79
CA GLY A 302 4.39 18.25 -11.13
C GLY A 302 4.41 16.79 -11.57
N ALA A 303 3.93 15.85 -10.74
CA ALA A 303 3.97 14.43 -11.11
C ALA A 303 2.88 14.10 -12.14
N SER A 304 3.09 12.99 -12.84
CA SER A 304 2.05 12.41 -13.69
C SER A 304 2.23 10.91 -13.81
N SER A 305 3.30 10.47 -14.44
CA SER A 305 3.47 9.06 -14.71
C SER A 305 4.80 8.50 -14.22
N GLN A 306 5.79 9.34 -14.00
CA GLN A 306 7.09 8.86 -13.56
C GLN A 306 6.97 8.43 -12.10
N VAL A 307 7.31 7.17 -11.85
CA VAL A 307 7.19 6.56 -10.53
C VAL A 307 8.53 5.95 -10.17
N PHE A 308 8.69 5.65 -8.88
CA PHE A 308 9.89 4.97 -8.45
C PHE A 308 9.60 4.02 -7.30
N PHE A 309 10.37 2.93 -7.26
CA PHE A 309 10.43 2.07 -6.10
C PHE A 309 11.67 2.44 -5.32
N PHE A 310 11.52 2.41 -4.01
CA PHE A 310 12.64 2.65 -3.10
C PHE A 310 13.06 1.32 -2.52
N LEU A 311 14.29 0.91 -2.81
CA LEU A 311 14.78 -0.39 -2.38
C LEU A 311 15.43 -0.28 -1.00
N PHE A 312 14.57 0.06 -0.03
CA PHE A 312 15.01 0.33 1.33
C PHE A 312 15.75 -0.88 1.91
N GLU A 313 16.87 -0.63 2.56
CA GLU A 313 17.59 -1.68 3.28
C GLU A 313 18.00 -1.17 4.65
N PRO A 314 17.42 -1.74 5.72
CA PRO A 314 17.73 -1.24 7.08
C PRO A 314 19.22 -1.32 7.39
N GLU A 315 19.82 -2.48 7.14
CA GLU A 315 21.24 -2.74 7.34
C GLU A 315 22.15 -1.62 6.86
N LEU A 316 21.82 -1.00 5.73
CA LEU A 316 22.67 0.02 5.12
C LEU A 316 22.11 1.43 5.28
N THR A 317 20.96 1.58 5.93
CA THR A 317 20.33 2.88 6.12
C THR A 317 20.77 3.46 7.46
N PRO A 318 21.36 4.65 7.48
CA PRO A 318 21.83 5.22 8.76
C PRO A 318 20.67 5.59 9.66
N ALA A 319 20.95 5.62 10.96
CA ALA A 319 19.98 6.15 11.90
C ALA A 319 19.70 7.62 11.57
N GLY A 320 18.43 7.97 11.56
CA GLY A 320 18.00 9.32 11.23
C GLY A 320 17.04 9.33 10.06
N ARG A 321 16.56 10.53 9.77
CA ARG A 321 15.54 10.73 8.75
C ARG A 321 16.17 10.72 7.36
N ASN A 322 15.37 10.36 6.36
CA ASN A 322 15.83 10.42 4.98
C ASN A 322 15.34 11.70 4.34
N LEU A 323 15.58 11.82 3.02
CA LEU A 323 15.16 12.99 2.26
C LEU A 323 13.96 12.69 1.39
N LEU A 324 13.23 11.62 1.69
CA LEU A 324 12.08 11.22 0.89
C LEU A 324 10.77 11.42 1.62
N ASP A 325 10.67 10.99 2.87
CA ASP A 325 9.42 11.10 3.61
C ASP A 325 8.96 12.55 3.68
N GLY A 326 7.68 12.75 3.43
CA GLY A 326 7.11 14.08 3.46
C GLY A 326 7.36 14.92 2.23
N ARG A 327 8.21 14.46 1.31
CA ARG A 327 8.57 15.20 0.09
C ARG A 327 8.03 14.56 -1.17
N TYR A 328 7.97 13.24 -1.23
CA TYR A 328 7.45 12.51 -2.37
C TYR A 328 6.31 11.63 -1.86
N SER A 329 5.31 11.45 -2.69
CA SER A 329 4.11 10.74 -2.29
C SER A 329 4.25 9.22 -2.50
N VAL A 330 4.31 8.45 -1.41
CA VAL A 330 4.14 7.00 -1.49
C VAL A 330 2.67 6.70 -1.69
N PHE A 331 2.36 5.77 -2.59
CA PHE A 331 0.97 5.42 -2.78
C PHE A 331 0.77 3.91 -2.79
N GLY A 332 1.81 3.11 -2.59
CA GLY A 332 1.62 1.67 -2.53
C GLY A 332 2.91 1.00 -2.12
N TYR A 333 2.84 -0.32 -1.99
CA TYR A 333 3.99 -1.14 -1.61
C TYR A 333 3.99 -2.41 -2.42
N LEU A 334 5.21 -2.84 -2.79
CA LEU A 334 5.41 -4.17 -3.32
C LEU A 334 5.06 -5.21 -2.27
N ILE A 335 4.21 -6.16 -2.63
CA ILE A 335 3.87 -7.26 -1.73
C ILE A 335 4.33 -8.62 -2.24
N GLU A 336 4.67 -8.76 -3.52
CA GLU A 336 5.29 -9.98 -4.04
C GLU A 336 6.27 -9.57 -5.12
N GLY A 337 7.37 -10.29 -5.23
CA GLY A 337 8.36 -10.02 -6.26
C GLY A 337 9.61 -9.37 -5.74
N ARG A 338 9.89 -9.50 -4.46
CA ARG A 338 11.02 -8.85 -3.82
C ARG A 338 12.34 -9.17 -4.54
N ASP A 339 12.59 -10.46 -4.80
CA ASP A 339 13.86 -10.82 -5.45
C ASP A 339 13.94 -10.26 -6.86
N ILE A 340 12.81 -10.23 -7.56
CA ILE A 340 12.79 -9.68 -8.91
C ILE A 340 13.13 -8.19 -8.89
N LEU A 341 12.52 -7.46 -7.96
CA LEU A 341 12.70 -6.01 -7.91
C LEU A 341 14.17 -5.63 -7.78
N ASP A 342 14.91 -6.36 -6.94
CA ASP A 342 16.31 -6.05 -6.72
C ASP A 342 17.16 -6.25 -7.97
N THR A 343 16.71 -7.08 -8.92
CA THR A 343 17.50 -7.34 -10.12
C THR A 343 17.17 -6.42 -11.28
N LEU A 344 16.14 -5.58 -11.17
CA LEU A 344 15.76 -4.73 -12.29
C LEU A 344 16.78 -3.62 -12.50
N LYS A 345 17.16 -3.38 -13.74
CA LYS A 345 18.19 -2.38 -14.04
C LYS A 345 18.01 -1.91 -15.48
N ALA A 346 19.10 -1.44 -16.09
CA ALA A 346 19.09 -0.92 -17.45
C ALA A 346 18.68 -1.99 -18.45
N GLY A 347 17.81 -1.60 -19.38
CA GLY A 347 17.28 -2.49 -20.37
C GLY A 347 16.05 -3.26 -19.97
N ASP A 348 15.76 -3.35 -18.67
CA ASP A 348 14.57 -4.06 -18.27
C ASP A 348 13.36 -3.19 -18.53
N LYS A 349 12.21 -3.84 -18.68
CA LYS A 349 11.03 -3.04 -18.98
C LYS A 349 9.78 -3.74 -18.45
N ILE A 350 8.73 -2.94 -18.40
CA ILE A 350 7.39 -3.42 -18.10
C ILE A 350 6.78 -3.91 -19.40
N GLU A 351 6.34 -5.17 -19.41
CA GLU A 351 5.65 -5.70 -20.57
C GLU A 351 4.17 -5.38 -20.53
N SER A 352 3.55 -5.52 -19.37
CA SER A 352 2.12 -5.32 -19.19
C SER A 352 1.87 -5.11 -17.71
N ALA A 353 0.69 -4.58 -17.40
CA ALA A 353 0.27 -4.38 -16.02
C ALA A 353 -1.22 -4.65 -15.92
N THR A 354 -1.61 -5.40 -14.90
CA THR A 354 -2.95 -5.95 -14.75
C THR A 354 -3.55 -5.45 -13.44
N VAL A 355 -4.80 -4.98 -13.49
CA VAL A 355 -5.54 -4.71 -12.27
C VAL A 355 -6.13 -6.04 -11.79
N VAL A 356 -5.47 -6.62 -10.78
CA VAL A 356 -5.86 -7.92 -10.25
C VAL A 356 -7.12 -7.80 -9.41
N GLN A 357 -7.25 -6.71 -8.65
CA GLN A 357 -8.36 -6.51 -7.74
C GLN A 357 -8.52 -5.02 -7.52
N GLY A 358 -9.76 -4.59 -7.35
CA GLY A 358 -10.06 -3.23 -6.96
C GLY A 358 -10.40 -2.28 -8.07
N LEU A 359 -10.57 -2.75 -9.30
CA LEU A 359 -10.95 -1.84 -10.39
C LEU A 359 -12.22 -1.09 -10.06
N ASP A 360 -13.15 -1.74 -9.34
CA ASP A 360 -14.42 -1.10 -9.02
C ASP A 360 -14.26 0.07 -8.05
N ASN A 361 -13.08 0.23 -7.46
CA ASN A 361 -12.84 1.38 -6.61
C ASN A 361 -12.39 2.60 -7.39
N LEU A 362 -12.08 2.46 -8.67
CA LEU A 362 -11.59 3.59 -9.46
C LEU A 362 -12.78 4.42 -9.94
N VAL A 363 -12.80 5.70 -9.58
CA VAL A 363 -13.88 6.62 -9.93
C VAL A 363 -13.36 7.59 -10.97
N GLN A 364 -13.93 7.55 -12.15
CA GLN A 364 -13.62 8.54 -13.17
C GLN A 364 -14.35 9.85 -12.87
N PRO A 365 -13.84 10.97 -13.39
CA PRO A 365 -14.49 12.27 -13.17
C PRO A 365 -15.98 12.20 -13.50
N GLN A 366 -16.79 12.76 -12.61
CA GLN A 366 -18.25 12.67 -12.72
C GLN A 366 -18.91 14.02 -13.00
N SER A 367 -18.14 15.06 -13.34
CA SER A 367 -18.70 16.40 -13.44
C SER A 367 -19.81 16.49 -14.49
N ALA A 368 -19.61 15.84 -15.63
CA ALA A 368 -20.55 15.92 -16.74
C ALA A 368 -21.46 14.71 -16.84
N ALA A 369 -21.49 13.88 -15.80
CA ALA A 369 -22.16 12.59 -15.86
C ALA A 369 -23.66 12.68 -15.65
N ILE A 370 -24.16 13.76 -15.07
CA ILE A 370 -25.57 13.95 -14.80
C ILE A 370 -26.16 15.09 -15.61
N GLU A 371 -25.42 15.57 -16.61
CA GLU A 371 -25.89 16.65 -17.46
C GLU A 371 -26.92 16.12 -18.45
N VAL A 372 -27.97 16.90 -18.65
CA VAL A 372 -29.07 16.56 -19.54
C VAL A 372 -28.96 17.49 -20.74
N LEU A 373 -28.82 16.91 -21.93
CA LEU A 373 -28.74 17.70 -23.15
C LEU A 373 -30.12 17.86 -23.76
N PHE A 374 -30.30 18.95 -24.47
CA PHE A 374 -31.51 19.15 -25.26
C PHE A 374 -31.07 19.54 -26.66
N GLN A 375 -31.41 18.70 -27.64
CA GLN A 375 -30.94 18.92 -29.00
C GLN A 375 -31.76 19.96 -29.73
CA CA B . 10.08 11.48 -22.49
#